data_5VWS
#
_entry.id   5VWS
#
_cell.length_a   95.316
_cell.length_b   95.316
_cell.length_c   126.782
_cell.angle_alpha   90.000
_cell.angle_beta   90.000
_cell.angle_gamma   90.000
#
_symmetry.space_group_name_H-M   'P 43 21 2'
#
loop_
_entity.id
_entity.type
_entity.pdbx_description
1 polymer 'Cytochrome P450'
2 non-polymer 'PROTOPORPHYRIN IX CONTAINING FE'
3 water water
#
_entity_poly.entity_id   1
_entity_poly.type   'polypeptide(L)'
_entity_poly.pdbx_seq_one_letter_code
;SNAMMELPGQPSLTDGGAALFAWLRTMRNEHPVWRDQFGIYHVFRYDDVRQILGDYQTFSSDRTRLMPTAQGFGKGGITM
IDPPEHRHQRRLITHAFTPQSISAMEPRIRQIADHLLDELPGPEFDLVEHFAYPLPVIVIAELLGVPPGDRHLFRTWSDR
LMSLQVENYADPELARTVAAAMTEMNDYLREHCRSRRTHPRDDLLTRLVQAEVEGKRLDLEEVVNTASLLLLAGHLTTTV
LIGNTMLCLWDHPEAEKAVRADPSLIPAALEESLRLRSPFLQAGRVTTRDVTIAGETIPANRFVMAWILSANHDDRRFPD
PERFDLHRQTTGHIAFGHGVHFCLGAQLGRLEGRIALERLLGRFTEIHPWPREGISFYQSAIFGASRMPVRCG
;
_entity_poly.pdbx_strand_id   A
#
loop_
_chem_comp.id
_chem_comp.type
_chem_comp.name
_chem_comp.formula
HEM non-polymer 'PROTOPORPHYRIN IX CONTAINING FE' 'C34 H32 Fe N4 O4'
#
# COMPACT_ATOMS: atom_id res chain seq x y z
N GLY A 9 -4.53 -14.71 10.56
CA GLY A 9 -4.98 -13.52 11.25
C GLY A 9 -6.09 -13.82 12.24
N GLN A 10 -5.72 -14.52 13.33
CA GLN A 10 -6.62 -15.36 14.13
C GLN A 10 -7.73 -14.66 14.91
N PRO A 11 -8.15 -13.43 14.56
CA PRO A 11 -9.52 -13.01 14.88
C PRO A 11 -10.21 -12.34 13.71
N SER A 12 -11.44 -11.87 13.91
CA SER A 12 -12.20 -11.23 12.84
C SER A 12 -11.76 -9.79 12.66
N LEU A 13 -11.53 -9.39 11.41
CA LEU A 13 -11.01 -8.08 11.07
C LEU A 13 -12.08 -6.99 11.03
N THR A 14 -13.30 -7.28 11.47
CA THR A 14 -14.43 -6.43 11.12
C THR A 14 -14.97 -5.62 12.30
N ASP A 15 -14.19 -5.43 13.37
CA ASP A 15 -14.59 -4.53 14.45
C ASP A 15 -13.73 -3.29 14.51
N GLY A 16 -13.08 -2.95 13.41
CA GLY A 16 -12.10 -1.89 13.37
C GLY A 16 -10.67 -2.38 13.58
N GLY A 17 -10.51 -3.51 14.28
CA GLY A 17 -9.21 -4.12 14.53
C GLY A 17 -8.93 -4.39 15.99
N ALA A 18 -9.55 -3.60 16.89
CA ALA A 18 -9.44 -3.74 18.33
C ALA A 18 -9.19 -5.19 18.76
N ALA A 19 -9.89 -6.13 18.12
CA ALA A 19 -9.75 -7.53 18.49
C ALA A 19 -8.44 -8.10 17.99
N LEU A 20 -8.02 -7.69 16.80
CA LEU A 20 -6.73 -8.14 16.26
C LEU A 20 -5.60 -7.60 17.11
N PHE A 21 -5.61 -6.29 17.37
CA PHE A 21 -4.63 -5.68 18.25
C PHE A 21 -4.41 -6.53 19.51
N ALA A 22 -5.48 -6.75 20.27
CA ALA A 22 -5.38 -7.57 21.48
C ALA A 22 -4.72 -8.91 21.18
N TRP A 23 -5.14 -9.58 20.10
CA TRP A 23 -4.58 -10.90 19.79
C TRP A 23 -3.10 -10.82 19.46
N LEU A 24 -2.67 -9.77 18.74
CA LEU A 24 -1.26 -9.62 18.42
C LEU A 24 -0.43 -9.47 19.69
N ARG A 25 -0.86 -8.57 20.58
CA ARG A 25 -0.13 -8.33 21.82
C ARG A 25 0.21 -9.63 22.52
N THR A 26 -0.78 -10.50 22.70
CA THR A 26 -0.51 -11.79 23.32
C THR A 26 0.45 -12.61 22.46
N MET A 27 0.18 -12.74 21.16
CA MET A 27 1.11 -13.45 20.29
C MET A 27 2.52 -12.88 20.40
N ARG A 28 2.66 -11.56 20.37
CA ARG A 28 3.94 -10.91 20.66
C ARG A 28 4.54 -11.42 21.97
N ASN A 29 3.76 -11.35 23.06
CA ASN A 29 4.26 -11.63 24.41
C ASN A 29 4.54 -13.11 24.65
N GLU A 30 3.87 -14.01 23.94
CA GLU A 30 3.89 -15.43 24.30
C GLU A 30 4.12 -16.39 23.13
N HIS A 31 4.11 -15.92 21.89
CA HIS A 31 4.44 -16.77 20.76
C HIS A 31 5.07 -15.93 19.67
N PRO A 32 6.20 -15.27 19.96
CA PRO A 32 6.81 -14.38 18.95
C PRO A 32 7.25 -15.12 17.69
N VAL A 33 7.06 -16.44 17.63
CA VAL A 33 7.26 -17.24 16.43
C VAL A 33 6.35 -18.45 16.51
N TRP A 34 5.44 -18.61 15.55
CA TRP A 34 4.33 -19.53 15.69
C TRP A 34 4.08 -20.28 14.38
N ARG A 35 4.22 -21.62 14.41
CA ARG A 35 3.89 -22.47 13.26
C ARG A 35 2.37 -22.69 13.23
N ASP A 36 1.73 -22.18 12.19
CA ASP A 36 0.29 -22.30 12.06
C ASP A 36 -0.10 -23.65 11.47
N GLN A 37 -1.40 -23.94 11.48
CA GLN A 37 -1.89 -25.27 11.16
C GLN A 37 -1.63 -25.63 9.70
N PHE A 38 -1.00 -24.74 8.94
CA PHE A 38 -0.69 -24.97 7.54
C PHE A 38 0.80 -25.15 7.30
N GLY A 39 1.61 -25.13 8.37
CA GLY A 39 3.06 -25.16 8.26
C GLY A 39 3.71 -23.80 8.16
N ILE A 40 2.94 -22.71 8.28
CA ILE A 40 3.41 -21.35 8.04
C ILE A 40 3.88 -20.72 9.35
N TYR A 41 5.07 -20.15 9.34
CA TYR A 41 5.66 -19.50 10.51
C TYR A 41 5.35 -18.01 10.54
N HIS A 42 4.96 -17.50 11.71
CA HIS A 42 4.57 -16.12 11.92
C HIS A 42 5.52 -15.45 12.91
N VAL A 43 5.91 -14.21 12.62
CA VAL A 43 6.80 -13.45 13.51
C VAL A 43 6.15 -12.10 13.81
N PHE A 44 6.16 -11.72 15.09
CA PHE A 44 5.25 -10.68 15.56
C PHE A 44 5.92 -9.46 16.14
N ARG A 45 7.20 -9.53 16.52
CA ARG A 45 7.86 -8.44 17.23
C ARG A 45 8.57 -7.51 16.26
N TYR A 46 8.74 -6.26 16.68
CA TYR A 46 9.34 -5.27 15.78
C TYR A 46 10.72 -5.72 15.35
N ASP A 47 11.63 -5.88 16.31
CA ASP A 47 13.01 -6.28 16.00
C ASP A 47 13.06 -7.48 15.06
N ASP A 48 12.19 -8.47 15.26
CA ASP A 48 12.26 -9.69 14.47
C ASP A 48 11.68 -9.48 13.07
N VAL A 49 10.55 -8.79 12.95
CA VAL A 49 10.00 -8.50 11.63
C VAL A 49 10.99 -7.67 10.82
N ARG A 50 11.55 -6.64 11.45
CA ARG A 50 12.56 -5.84 10.76
C ARG A 50 13.73 -6.71 10.31
N GLN A 51 14.22 -7.58 11.21
CA GLN A 51 15.35 -8.46 10.89
C GLN A 51 15.07 -9.26 9.62
N ILE A 52 13.89 -9.88 9.55
CA ILE A 52 13.54 -10.71 8.40
C ILE A 52 13.47 -9.87 7.13
N LEU A 53 12.90 -8.68 7.23
CA LEU A 53 12.62 -7.93 6.02
C LEU A 53 13.88 -7.48 5.31
N GLY A 54 14.93 -7.17 6.09
CA GLY A 54 16.20 -6.70 5.56
C GLY A 54 17.16 -7.80 5.14
N ASP A 55 17.07 -8.98 5.74
CA ASP A 55 17.96 -10.07 5.40
C ASP A 55 17.36 -10.85 4.24
N TYR A 56 17.54 -10.29 3.03
CA TYR A 56 17.09 -10.92 1.78
C TYR A 56 17.86 -12.19 1.43
N GLN A 57 18.95 -12.49 2.13
CA GLN A 57 19.67 -13.72 1.81
C GLN A 57 19.05 -14.91 2.51
N THR A 58 18.69 -14.74 3.77
CA THR A 58 18.03 -15.82 4.50
C THR A 58 16.56 -15.94 4.10
N PHE A 59 15.85 -14.83 4.12
CA PHE A 59 14.44 -14.80 3.79
C PHE A 59 14.30 -14.30 2.36
N SER A 60 14.04 -15.23 1.45
CA SER A 60 13.92 -14.92 0.03
C SER A 60 12.51 -14.41 -0.28
N SER A 61 12.39 -13.74 -1.43
CA SER A 61 11.11 -13.24 -1.90
C SER A 61 10.57 -14.03 -3.07
N ASP A 62 11.36 -14.96 -3.62
CA ASP A 62 10.91 -15.85 -4.70
C ASP A 62 9.94 -16.89 -4.15
N ARG A 63 8.83 -16.41 -3.61
CA ARG A 63 7.80 -17.25 -3.02
C ARG A 63 7.18 -18.18 -4.05
N THR A 64 7.46 -17.99 -5.33
CA THR A 64 6.96 -18.90 -6.35
C THR A 64 7.49 -20.31 -6.13
N ARG A 65 8.73 -20.43 -5.68
CA ARG A 65 9.40 -21.72 -5.57
C ARG A 65 8.96 -22.54 -4.36
N LEU A 66 7.66 -22.47 -4.02
CA LEU A 66 6.98 -23.37 -3.07
C LEU A 66 5.80 -22.62 -2.41
N GLY A 74 3.40 -11.55 -10.86
CA GLY A 74 4.60 -11.03 -11.50
C GLY A 74 5.89 -11.74 -11.14
N LYS A 75 6.10 -12.92 -11.75
CA LYS A 75 7.14 -13.85 -11.30
C LYS A 75 8.55 -13.44 -11.72
N GLY A 76 8.69 -12.52 -12.67
CA GLY A 76 10.00 -12.08 -13.10
C GLY A 76 10.35 -10.69 -12.59
N GLY A 77 9.40 -10.03 -11.91
CA GLY A 77 9.53 -8.65 -11.51
C GLY A 77 10.04 -8.46 -10.08
N ILE A 78 10.20 -7.19 -9.72
CA ILE A 78 11.04 -6.87 -8.57
C ILE A 78 10.49 -7.41 -7.26
N THR A 79 9.17 -7.57 -7.13
CA THR A 79 8.67 -8.10 -5.87
C THR A 79 8.99 -9.57 -5.67
N MET A 80 9.51 -10.26 -6.70
CA MET A 80 9.70 -11.72 -6.65
C MET A 80 11.09 -12.16 -7.08
N ILE A 81 12.02 -11.23 -7.29
CA ILE A 81 13.41 -11.59 -7.53
C ILE A 81 14.23 -11.03 -6.39
N ASP A 82 15.51 -11.36 -6.36
CA ASP A 82 16.33 -10.79 -5.30
C ASP A 82 17.66 -10.29 -5.86
N PRO A 83 18.50 -9.67 -5.02
CA PRO A 83 19.81 -9.25 -5.50
C PRO A 83 20.65 -10.47 -5.83
N PRO A 84 21.61 -10.32 -6.74
CA PRO A 84 21.90 -9.02 -7.32
C PRO A 84 20.90 -8.59 -8.38
N GLU A 85 20.15 -9.54 -8.96
CA GLU A 85 19.29 -9.18 -10.10
C GLU A 85 18.28 -8.12 -9.69
N HIS A 86 17.58 -8.35 -8.58
CA HIS A 86 16.66 -7.36 -8.05
C HIS A 86 17.26 -5.96 -8.04
N ARG A 87 18.54 -5.85 -7.69
CA ARG A 87 19.13 -4.51 -7.59
C ARG A 87 19.34 -3.89 -8.96
N HIS A 88 19.64 -4.71 -9.96
CA HIS A 88 19.90 -4.16 -11.28
C HIS A 88 18.61 -3.79 -12.00
N GLN A 89 17.50 -4.50 -11.74
CA GLN A 89 16.26 -4.10 -12.37
C GLN A 89 15.62 -2.89 -11.68
N ARG A 90 15.63 -2.85 -10.35
CA ARG A 90 14.98 -1.75 -9.68
C ARG A 90 15.71 -0.43 -9.89
N ARG A 91 16.99 -0.49 -10.25
CA ARG A 91 17.75 0.72 -10.51
C ARG A 91 17.41 1.34 -11.84
N LEU A 92 16.90 0.55 -12.77
CA LEU A 92 16.37 1.11 -14.00
C LEU A 92 15.02 1.77 -13.76
N ILE A 93 14.13 1.10 -13.02
CA ILE A 93 12.85 1.71 -12.67
C ILE A 93 13.09 3.05 -11.98
N THR A 94 13.83 3.04 -10.86
CA THR A 94 14.15 4.28 -10.16
C THR A 94 14.86 5.29 -11.05
N HIS A 95 15.47 4.85 -12.15
CA HIS A 95 15.96 5.83 -13.11
C HIS A 95 14.84 6.74 -13.56
N ALA A 96 13.69 6.15 -13.89
CA ALA A 96 12.53 6.92 -14.36
C ALA A 96 11.62 7.36 -13.24
N PHE A 97 11.52 6.58 -12.16
CA PHE A 97 10.67 6.91 -11.02
C PHE A 97 11.40 7.84 -10.05
N THR A 98 11.73 9.03 -10.53
CA THR A 98 12.58 9.91 -9.76
C THR A 98 11.80 10.68 -8.69
N PRO A 99 12.46 11.01 -7.57
CA PRO A 99 11.77 11.74 -6.51
C PRO A 99 11.36 13.12 -6.94
N GLN A 100 12.10 13.70 -7.89
CA GLN A 100 11.73 14.99 -8.45
C GLN A 100 10.50 14.87 -9.32
N SER A 101 10.36 13.74 -10.03
CA SER A 101 9.16 13.54 -10.84
C SER A 101 7.96 13.30 -9.96
N ILE A 102 8.16 12.66 -8.81
CA ILE A 102 7.08 12.49 -7.86
C ILE A 102 6.67 13.83 -7.24
N SER A 103 7.63 14.72 -6.98
CA SER A 103 7.27 16.02 -6.40
C SER A 103 6.50 16.87 -7.40
N ALA A 104 6.99 16.97 -8.65
CA ALA A 104 6.25 17.66 -9.69
C ALA A 104 4.82 17.16 -9.84
N MET A 105 4.56 15.93 -9.38
CA MET A 105 3.22 15.37 -9.43
C MET A 105 2.23 16.13 -8.56
N GLU A 106 2.69 17.08 -7.73
CA GLU A 106 1.80 17.58 -6.69
C GLU A 106 0.62 18.35 -7.25
N PRO A 107 0.79 19.26 -8.20
CA PRO A 107 -0.38 20.00 -8.71
C PRO A 107 -1.43 19.09 -9.36
N ARG A 108 -1.00 18.07 -10.09
CA ARG A 108 -1.97 17.10 -10.62
C ARG A 108 -2.78 16.47 -9.50
N ILE A 109 -2.10 15.99 -8.46
CA ILE A 109 -2.83 15.32 -7.38
C ILE A 109 -3.86 16.27 -6.76
N ARG A 110 -3.46 17.52 -6.50
CA ARG A 110 -4.40 18.49 -5.96
C ARG A 110 -5.62 18.64 -6.87
N GLN A 111 -5.40 18.81 -8.17
CA GLN A 111 -6.52 18.95 -9.08
C GLN A 111 -7.41 17.70 -9.06
N ILE A 112 -6.80 16.51 -9.11
CA ILE A 112 -7.58 15.28 -9.15
C ILE A 112 -8.37 15.12 -7.87
N ALA A 113 -7.90 15.69 -6.77
CA ALA A 113 -8.68 15.56 -5.55
C ALA A 113 -9.78 16.59 -5.49
N ASP A 114 -9.57 17.78 -6.07
CA ASP A 114 -10.63 18.78 -6.12
C ASP A 114 -11.76 18.32 -7.03
N HIS A 115 -11.44 17.74 -8.19
CA HIS A 115 -12.49 17.21 -9.06
C HIS A 115 -13.33 16.18 -8.32
N LEU A 116 -12.67 15.19 -7.72
CA LEU A 116 -13.39 14.23 -6.90
C LEU A 116 -14.33 14.94 -5.94
N LEU A 117 -13.78 15.80 -5.10
CA LEU A 117 -14.60 16.51 -4.13
C LEU A 117 -15.72 17.30 -4.81
N ASP A 118 -15.43 17.95 -5.95
CA ASP A 118 -16.45 18.77 -6.60
C ASP A 118 -17.66 17.95 -7.01
N GLU A 119 -17.44 16.67 -7.31
CA GLU A 119 -18.46 15.81 -7.89
C GLU A 119 -19.08 14.82 -6.91
N LEU A 120 -18.76 14.92 -5.62
CA LEU A 120 -19.39 14.03 -4.65
C LEU A 120 -20.92 14.16 -4.74
N PRO A 121 -21.69 13.02 -4.54
CA PRO A 121 -23.14 13.00 -4.83
C PRO A 121 -23.99 13.61 -3.73
N GLY A 122 -23.77 14.89 -3.45
CA GLY A 122 -24.49 15.54 -2.36
C GLY A 122 -23.77 15.41 -1.04
N PRO A 123 -24.46 15.75 0.05
CA PRO A 123 -23.80 15.76 1.36
C PRO A 123 -23.76 14.41 2.07
N GLU A 124 -24.48 13.39 1.59
CA GLU A 124 -24.40 12.04 2.14
C GLU A 124 -23.90 11.10 1.06
N PHE A 125 -22.71 10.53 1.27
CA PHE A 125 -22.05 9.71 0.25
C PHE A 125 -21.11 8.70 0.93
N ASP A 126 -20.45 7.88 0.12
CA ASP A 126 -19.50 6.88 0.60
C ASP A 126 -18.07 7.41 0.39
N LEU A 127 -17.37 7.67 1.50
CA LEU A 127 -16.10 8.36 1.39
C LEU A 127 -15.02 7.49 0.75
N VAL A 128 -15.18 6.19 0.74
CA VAL A 128 -14.24 5.33 0.03
C VAL A 128 -14.58 5.28 -1.45
N GLU A 129 -15.82 4.90 -1.77
CA GLU A 129 -16.21 4.71 -3.17
C GLU A 129 -15.96 5.96 -4.01
N HIS A 130 -16.28 7.14 -3.46
CA HIS A 130 -16.33 8.39 -4.22
C HIS A 130 -15.16 9.31 -3.98
N PHE A 131 -14.09 8.83 -3.35
CA PHE A 131 -12.93 9.70 -3.10
C PHE A 131 -11.66 8.89 -2.93
N ALA A 132 -11.55 8.21 -1.79
CA ALA A 132 -10.36 7.43 -1.48
C ALA A 132 -10.18 6.23 -2.41
N TYR A 133 -11.25 5.71 -3.00
CA TYR A 133 -11.00 4.55 -3.85
C TYR A 133 -10.52 4.94 -5.24
N PRO A 134 -11.11 5.96 -5.84
CA PRO A 134 -10.72 6.34 -7.21
C PRO A 134 -9.42 7.12 -7.32
N LEU A 135 -9.10 7.98 -6.34
CA LEU A 135 -7.98 8.92 -6.50
C LEU A 135 -6.65 8.22 -6.75
N PRO A 136 -6.20 7.25 -5.94
CA PRO A 136 -4.96 6.53 -6.26
C PRO A 136 -4.94 5.98 -7.68
N VAL A 137 -6.08 5.52 -8.20
CA VAL A 137 -6.08 4.95 -9.54
C VAL A 137 -5.98 6.04 -10.58
N ILE A 138 -6.67 7.16 -10.38
CA ILE A 138 -6.58 8.27 -11.33
C ILE A 138 -5.16 8.81 -11.37
N VAL A 139 -4.45 8.73 -10.25
CA VAL A 139 -3.13 9.32 -10.11
C VAL A 139 -2.07 8.48 -10.82
N ILE A 140 -2.08 7.18 -10.60
CA ILE A 140 -1.24 6.29 -11.38
C ILE A 140 -1.48 6.52 -12.86
N ALA A 141 -2.76 6.61 -13.24
CA ALA A 141 -3.11 6.72 -14.65
C ALA A 141 -2.63 8.04 -15.26
N GLU A 142 -2.67 9.13 -14.49
CA GLU A 142 -2.11 10.38 -14.97
C GLU A 142 -0.59 10.35 -14.95
N LEU A 143 0.01 9.67 -13.96
CA LEU A 143 1.46 9.53 -13.96
C LEU A 143 1.95 8.72 -15.17
N LEU A 144 1.29 7.60 -15.44
CA LEU A 144 1.71 6.72 -16.53
C LEU A 144 1.60 7.39 -17.88
N GLY A 145 0.76 8.40 -18.03
CA GLY A 145 0.51 9.01 -19.32
C GLY A 145 -0.75 8.52 -20.01
N VAL A 146 -1.66 7.90 -19.27
CA VAL A 146 -2.93 7.45 -19.83
C VAL A 146 -3.78 8.66 -20.18
N PRO A 147 -4.21 8.78 -21.44
CA PRO A 147 -5.05 9.90 -21.82
C PRO A 147 -6.29 9.95 -20.94
N PRO A 148 -6.75 11.14 -20.57
CA PRO A 148 -7.89 11.20 -19.63
C PRO A 148 -9.08 10.39 -20.07
N GLY A 149 -9.44 10.44 -21.36
CA GLY A 149 -10.60 9.67 -21.80
C GLY A 149 -10.43 8.17 -21.76
N ASP A 150 -9.24 7.67 -21.48
CA ASP A 150 -9.07 6.24 -21.29
C ASP A 150 -9.20 5.84 -19.82
N ARG A 151 -9.28 6.83 -18.94
CA ARG A 151 -9.02 6.60 -17.52
C ARG A 151 -10.11 5.79 -16.83
N HIS A 152 -11.32 5.72 -17.43
CA HIS A 152 -12.37 4.85 -16.91
C HIS A 152 -12.03 3.38 -17.11
N LEU A 153 -11.36 3.05 -18.23
CA LEU A 153 -10.94 1.66 -18.44
C LEU A 153 -10.07 1.17 -17.31
N PHE A 154 -9.19 2.05 -16.79
CA PHE A 154 -8.33 1.68 -15.67
C PHE A 154 -9.13 1.44 -14.41
N ARG A 155 -10.04 2.34 -14.08
CA ARG A 155 -10.94 2.08 -12.97
C ARG A 155 -11.58 0.71 -13.14
N THR A 156 -12.08 0.42 -14.35
CA THR A 156 -12.65 -0.87 -14.64
C THR A 156 -11.69 -2.00 -14.28
N TRP A 157 -10.45 -1.91 -14.76
CA TRP A 157 -9.50 -2.99 -14.55
C TRP A 157 -9.13 -3.12 -13.09
N SER A 158 -8.95 -2.02 -12.37
CA SER A 158 -8.62 -2.21 -10.97
C SER A 158 -9.78 -2.82 -10.22
N ASP A 159 -11.01 -2.59 -10.67
CA ASP A 159 -12.14 -3.30 -10.07
C ASP A 159 -12.06 -4.78 -10.36
N ARG A 160 -11.71 -5.15 -11.59
CA ARG A 160 -11.65 -6.55 -11.96
C ARG A 160 -10.41 -7.24 -11.43
N LEU A 161 -9.38 -6.47 -11.05
CA LEU A 161 -8.12 -7.02 -10.59
C LEU A 161 -7.88 -6.87 -9.10
N MET A 162 -8.70 -6.10 -8.38
CA MET A 162 -8.40 -5.90 -6.95
C MET A 162 -8.36 -7.20 -6.18
N SER A 163 -8.74 -8.32 -6.79
CA SER A 163 -8.62 -9.56 -6.06
C SER A 163 -7.17 -9.86 -5.72
N LEU A 164 -6.22 -9.30 -6.46
CA LEU A 164 -4.81 -9.59 -6.20
C LEU A 164 -4.25 -8.74 -5.07
N GLN A 165 -4.56 -7.44 -5.04
CA GLN A 165 -4.22 -6.63 -3.88
C GLN A 165 -4.74 -7.27 -2.60
N VAL A 166 -5.99 -7.74 -2.61
CA VAL A 166 -6.60 -8.35 -1.43
C VAL A 166 -6.16 -9.81 -1.28
N GLU A 167 -6.07 -10.54 -2.38
CA GLU A 167 -5.84 -12.01 -2.41
C GLU A 167 -7.16 -12.79 -2.40
N ALA A 170 -9.32 -17.08 -4.81
CA ALA A 170 -8.99 -18.48 -4.61
C ALA A 170 -9.69 -19.36 -5.66
N ASP A 171 -11.00 -19.21 -5.81
CA ASP A 171 -11.74 -20.06 -6.73
C ASP A 171 -11.22 -19.92 -8.16
N PRO A 172 -11.43 -20.93 -9.00
CA PRO A 172 -10.99 -20.84 -10.39
C PRO A 172 -11.71 -19.76 -11.17
N GLU A 173 -13.02 -19.63 -10.97
CA GLU A 173 -13.80 -18.55 -11.58
C GLU A 173 -13.07 -17.23 -11.48
N LEU A 174 -12.87 -16.75 -10.25
CA LEU A 174 -12.22 -15.47 -10.03
C LEU A 174 -10.86 -15.40 -10.72
N ALA A 175 -10.05 -16.45 -10.56
CA ALA A 175 -8.73 -16.52 -11.21
C ALA A 175 -8.83 -16.28 -12.71
N ARG A 176 -9.73 -17.00 -13.40
CA ARG A 176 -9.85 -16.85 -14.85
C ARG A 176 -10.23 -15.43 -15.22
N THR A 177 -11.30 -14.88 -14.60
CA THR A 177 -11.70 -13.51 -14.95
C THR A 177 -10.56 -12.54 -14.69
N VAL A 178 -9.79 -12.78 -13.62
CA VAL A 178 -8.68 -11.89 -13.29
C VAL A 178 -7.62 -11.95 -14.36
N ALA A 179 -7.24 -13.16 -14.78
CA ALA A 179 -6.20 -13.29 -15.80
C ALA A 179 -6.58 -12.53 -17.08
N ALA A 180 -7.87 -12.54 -17.43
CA ALA A 180 -8.30 -11.89 -18.67
C ALA A 180 -8.36 -10.38 -18.53
N ALA A 181 -8.72 -9.87 -17.36
CA ALA A 181 -8.53 -8.45 -17.09
C ALA A 181 -7.07 -8.06 -17.24
N MET A 182 -6.17 -8.94 -16.84
CA MET A 182 -4.75 -8.60 -16.92
C MET A 182 -4.28 -8.59 -18.37
N THR A 183 -4.65 -9.60 -19.17
CA THR A 183 -4.34 -9.55 -20.61
C THR A 183 -4.84 -8.25 -21.24
N GLU A 184 -6.12 -7.90 -20.99
CA GLU A 184 -6.69 -6.67 -21.55
C GLU A 184 -5.77 -5.49 -21.30
N MET A 185 -5.44 -5.28 -20.02
CA MET A 185 -4.64 -4.14 -19.62
C MET A 185 -3.23 -4.22 -20.20
N ASN A 186 -2.63 -5.41 -20.18
CA ASN A 186 -1.28 -5.59 -20.68
C ASN A 186 -1.19 -5.37 -22.18
N ASP A 187 -2.29 -5.53 -22.92
CA ASP A 187 -2.17 -5.21 -24.33
C ASP A 187 -2.30 -3.71 -24.53
N TYR A 188 -3.20 -3.07 -23.79
CA TYR A 188 -3.29 -1.63 -23.84
C TYR A 188 -1.96 -0.98 -23.48
N LEU A 189 -1.38 -1.39 -22.36
CA LEU A 189 -0.10 -0.82 -21.95
C LEU A 189 0.95 -1.04 -23.02
N ARG A 190 1.21 -2.30 -23.37
CA ARG A 190 2.26 -2.64 -24.32
C ARG A 190 2.20 -1.73 -25.54
N GLU A 191 1.08 -1.75 -26.24
CA GLU A 191 0.90 -0.83 -27.35
C GLU A 191 1.18 0.61 -26.92
N HIS A 192 0.89 0.96 -25.67
CA HIS A 192 1.06 2.35 -25.26
C HIS A 192 2.51 2.69 -24.99
N CYS A 193 3.36 1.68 -24.78
CA CYS A 193 4.79 1.88 -24.65
C CYS A 193 5.48 1.93 -26.01
N ARG A 194 5.11 1.06 -26.94
CA ARG A 194 5.72 1.10 -28.27
C ARG A 194 5.55 2.47 -28.92
N SER A 195 4.53 3.22 -28.52
CA SER A 195 4.36 4.57 -29.03
C SER A 195 5.29 5.57 -28.37
N ARG A 196 5.60 5.39 -27.08
CA ARG A 196 6.51 6.32 -26.43
C ARG A 196 7.94 6.16 -26.96
N ARG A 197 8.26 4.98 -27.50
CA ARG A 197 9.53 4.81 -28.20
C ARG A 197 9.58 5.66 -29.45
N THR A 198 8.45 5.82 -30.14
CA THR A 198 8.33 6.53 -31.41
C THR A 198 7.92 7.98 -31.27
N HIS A 199 7.09 8.28 -30.28
CA HIS A 199 6.65 9.64 -29.98
C HIS A 199 6.86 9.86 -28.49
N PRO A 200 8.11 10.06 -28.05
CA PRO A 200 8.36 10.32 -26.64
C PRO A 200 7.43 11.40 -26.09
N ARG A 201 6.97 11.16 -24.89
CA ARG A 201 6.16 12.09 -24.13
C ARG A 201 6.82 12.27 -22.78
N ASP A 202 6.29 13.20 -22.00
CA ASP A 202 6.76 13.41 -20.64
C ASP A 202 5.82 12.74 -19.63
N ASP A 203 5.70 11.42 -19.74
CA ASP A 203 5.02 10.58 -18.76
C ASP A 203 6.02 9.66 -18.09
N LEU A 204 5.55 8.94 -17.07
CA LEU A 204 6.43 7.95 -16.46
C LEU A 204 6.75 6.86 -17.47
N LEU A 205 5.77 6.47 -18.26
CA LEU A 205 6.00 5.47 -19.30
C LEU A 205 7.23 5.81 -20.11
N THR A 206 7.30 7.03 -20.63
CA THR A 206 8.40 7.41 -21.50
C THR A 206 9.74 7.33 -20.80
N ARG A 207 9.78 7.54 -19.49
CA ARG A 207 11.08 7.44 -18.85
C ARG A 207 11.51 5.99 -18.77
N LEU A 208 10.58 5.08 -18.49
CA LEU A 208 10.88 3.66 -18.41
C LEU A 208 11.49 3.13 -19.71
N VAL A 209 10.73 3.23 -20.81
CA VAL A 209 11.22 2.89 -22.14
C VAL A 209 12.59 3.50 -22.44
N GLN A 210 12.91 4.65 -21.85
CA GLN A 210 14.15 5.35 -22.17
C GLN A 210 15.22 5.23 -21.10
N ALA A 211 14.93 4.57 -19.98
CA ALA A 211 15.97 4.42 -18.96
C ALA A 211 17.10 3.59 -19.53
N GLU A 212 18.29 3.78 -18.96
CA GLU A 212 19.45 2.99 -19.35
C GLU A 212 20.56 3.20 -18.32
N VAL A 213 21.12 2.10 -17.83
CA VAL A 213 22.06 2.13 -16.73
C VAL A 213 23.19 1.17 -17.06
N GLU A 214 24.38 1.72 -17.31
CA GLU A 214 25.57 0.96 -17.72
C GLU A 214 25.36 0.28 -19.07
N GLY A 215 24.58 0.92 -19.94
CA GLY A 215 24.32 0.34 -21.23
C GLY A 215 23.31 -0.79 -21.20
N LYS A 216 22.27 -0.68 -20.38
CA LYS A 216 21.20 -1.66 -20.36
C LYS A 216 19.86 -0.95 -20.32
N ARG A 217 18.83 -1.67 -20.75
CA ARG A 217 17.52 -1.10 -20.90
C ARG A 217 16.49 -2.13 -20.47
N LEU A 218 15.45 -1.68 -19.78
CA LEU A 218 14.29 -2.53 -19.58
C LEU A 218 13.73 -2.90 -20.94
N ASP A 219 13.40 -4.17 -21.13
CA ASP A 219 12.77 -4.40 -22.42
C ASP A 219 11.29 -4.03 -22.33
N LEU A 220 10.64 -4.02 -23.50
CA LEU A 220 9.29 -3.47 -23.58
C LEU A 220 8.34 -4.16 -22.60
N GLU A 221 8.53 -5.47 -22.38
CA GLU A 221 7.62 -6.20 -21.50
C GLU A 221 7.88 -5.88 -20.03
N GLU A 222 9.13 -5.64 -19.65
CA GLU A 222 9.37 -5.29 -18.27
C GLU A 222 8.78 -3.93 -17.95
N VAL A 223 8.64 -3.08 -18.97
CA VAL A 223 7.94 -1.82 -18.78
C VAL A 223 6.46 -2.08 -18.51
N VAL A 224 5.80 -2.81 -19.41
CA VAL A 224 4.40 -3.15 -19.19
C VAL A 224 4.21 -3.68 -17.78
N ASN A 225 4.98 -4.70 -17.43
CA ASN A 225 4.83 -5.34 -16.13
C ASN A 225 5.14 -4.39 -14.98
N THR A 226 6.07 -3.45 -15.18
CA THR A 226 6.29 -2.46 -14.13
C THR A 226 5.11 -1.51 -14.04
N ALA A 227 4.43 -1.25 -15.16
CA ALA A 227 3.25 -0.40 -15.11
C ALA A 227 2.14 -1.09 -14.32
N SER A 228 1.66 -2.22 -14.81
CA SER A 228 0.66 -2.96 -14.06
C SER A 228 1.02 -3.10 -12.59
N LEU A 229 2.31 -3.20 -12.26
CA LEU A 229 2.69 -3.36 -10.87
C LEU A 229 2.38 -2.12 -10.05
N LEU A 230 2.66 -0.93 -10.58
CA LEU A 230 2.40 0.29 -9.82
C LEU A 230 0.92 0.46 -9.56
N LEU A 231 0.11 0.44 -10.61
CA LEU A 231 -1.34 0.37 -10.52
C LEU A 231 -1.77 -0.45 -9.32
N LEU A 232 -1.42 -1.73 -9.33
CA LEU A 232 -1.88 -2.70 -8.34
C LEU A 232 -1.20 -2.55 -6.98
N ALA A 233 -0.08 -1.83 -6.87
CA ALA A 233 0.62 -1.74 -5.59
C ALA A 233 0.32 -0.45 -4.86
N GLY A 234 0.17 0.65 -5.59
CA GLY A 234 -0.09 1.95 -5.01
C GLY A 234 -1.53 2.31 -4.90
N HIS A 235 -2.43 1.43 -5.38
CA HIS A 235 -3.86 1.65 -5.32
C HIS A 235 -4.46 1.45 -3.94
N LEU A 236 -4.90 0.23 -3.62
CA LEU A 236 -5.64 0.03 -2.37
C LEU A 236 -4.83 0.43 -1.15
N THR A 237 -3.51 0.24 -1.15
CA THR A 237 -2.74 0.68 0.01
C THR A 237 -2.99 2.16 0.31
N THR A 238 -2.97 3.02 -0.72
CA THR A 238 -3.26 4.44 -0.49
C THR A 238 -4.73 4.67 -0.09
N THR A 239 -5.66 3.92 -0.68
CA THR A 239 -7.07 4.08 -0.32
C THR A 239 -7.29 3.91 1.18
N VAL A 240 -6.75 2.84 1.76
CA VAL A 240 -6.97 2.63 3.18
C VAL A 240 -6.20 3.67 3.98
N LEU A 241 -5.03 4.10 3.50
CA LEU A 241 -4.31 5.17 4.19
C LEU A 241 -5.18 6.39 4.37
N ILE A 242 -5.95 6.76 3.35
CA ILE A 242 -6.78 7.95 3.47
C ILE A 242 -7.99 7.63 4.33
N GLY A 243 -8.66 6.52 4.06
CA GLY A 243 -9.71 6.09 4.94
C GLY A 243 -9.19 6.05 6.36
N ASN A 244 -8.19 5.20 6.60
CA ASN A 244 -7.72 4.95 7.96
C ASN A 244 -7.41 6.22 8.73
N THR A 245 -6.81 7.22 8.07
CA THR A 245 -6.46 8.41 8.84
C THR A 245 -7.69 9.17 9.30
N MET A 246 -8.77 9.16 8.50
CA MET A 246 -10.01 9.75 8.97
C MET A 246 -10.61 8.93 10.09
N LEU A 247 -10.40 7.62 10.09
CA LEU A 247 -10.86 6.80 11.19
C LEU A 247 -10.08 7.12 12.46
N CYS A 248 -8.80 7.44 12.34
CA CYS A 248 -8.02 7.77 13.52
C CYS A 248 -8.51 9.09 14.11
N LEU A 249 -8.66 10.11 13.26
CA LEU A 249 -9.18 11.40 13.73
C LEU A 249 -10.55 11.24 14.38
N TRP A 250 -11.41 10.40 13.81
CA TRP A 250 -12.75 10.19 14.39
C TRP A 250 -12.68 9.53 15.75
N ASP A 251 -11.74 8.62 15.96
CA ASP A 251 -11.63 7.93 17.24
C ASP A 251 -10.83 8.72 18.27
N HIS A 252 -10.49 9.98 17.98
CA HIS A 252 -9.58 10.77 18.80
C HIS A 252 -9.88 12.24 18.55
N PRO A 253 -10.93 12.79 19.16
CA PRO A 253 -11.40 14.12 18.74
C PRO A 253 -10.42 15.23 19.03
N GLU A 254 -9.56 15.06 20.04
CA GLU A 254 -8.52 16.03 20.33
C GLU A 254 -7.55 16.15 19.16
N ALA A 255 -7.22 15.01 18.55
CA ALA A 255 -6.35 14.98 17.38
C ALA A 255 -7.00 15.68 16.19
N GLU A 256 -8.26 15.35 15.92
CA GLU A 256 -8.95 16.02 14.80
C GLU A 256 -9.12 17.51 15.06
N LYS A 257 -9.30 17.89 16.32
CA LYS A 257 -9.22 19.29 16.68
C LYS A 257 -7.93 19.91 16.15
N ALA A 258 -6.79 19.41 16.65
CA ALA A 258 -5.51 20.06 16.36
C ALA A 258 -5.20 20.06 14.87
N VAL A 259 -5.58 19.00 14.15
CA VAL A 259 -5.24 18.96 12.74
C VAL A 259 -6.06 19.97 11.97
N ARG A 260 -7.34 20.09 12.30
CA ARG A 260 -8.17 21.06 11.60
C ARG A 260 -7.73 22.47 11.91
N ALA A 261 -7.50 22.78 13.17
CA ALA A 261 -7.04 24.11 13.51
C ALA A 261 -5.60 24.37 13.08
N ASP A 262 -4.87 23.34 12.58
CA ASP A 262 -3.51 23.46 12.06
C ASP A 262 -3.20 22.33 11.06
N PRO A 263 -3.49 22.53 9.78
CA PRO A 263 -3.21 21.48 8.77
C PRO A 263 -1.73 21.21 8.59
N SER A 264 -0.87 22.05 9.16
CA SER A 264 0.54 21.72 9.29
C SER A 264 0.75 20.32 9.88
N LEU A 265 -0.20 19.82 10.68
CA LEU A 265 -0.08 18.52 11.32
C LEU A 265 -0.57 17.35 10.47
N ILE A 266 -1.15 17.61 9.29
CA ILE A 266 -1.62 16.52 8.44
C ILE A 266 -0.48 15.55 8.17
N PRO A 267 0.76 16.00 7.95
CA PRO A 267 1.83 15.01 7.79
C PRO A 267 2.02 14.16 9.02
N ALA A 268 2.15 14.76 10.20
CA ALA A 268 2.29 13.94 11.41
C ALA A 268 1.15 12.93 11.53
N ALA A 269 -0.07 13.34 11.21
CA ALA A 269 -1.19 12.44 11.42
C ALA A 269 -1.09 11.24 10.49
N LEU A 270 -0.62 11.48 9.27
CA LEU A 270 -0.39 10.39 8.32
C LEU A 270 0.64 9.40 8.83
N GLU A 271 1.73 9.89 9.44
CA GLU A 271 2.73 8.95 9.95
C GLU A 271 2.12 8.04 11.00
N GLU A 272 1.35 8.63 11.92
CA GLU A 272 0.81 7.89 13.06
C GLU A 272 -0.28 6.93 12.60
N SER A 273 -1.07 7.35 11.61
CA SER A 273 -2.02 6.47 10.98
C SER A 273 -1.29 5.27 10.36
N LEU A 274 -0.26 5.54 9.56
CA LEU A 274 0.57 4.47 9.01
C LEU A 274 1.04 3.48 10.08
N ARG A 275 1.49 3.97 11.23
CA ARG A 275 1.89 3.06 12.31
C ARG A 275 0.68 2.32 12.87
N LEU A 276 -0.34 3.06 13.31
CA LEU A 276 -1.44 2.47 14.08
C LEU A 276 -2.30 1.54 13.24
N ARG A 277 -2.48 1.85 11.96
CA ARG A 277 -3.41 1.17 11.08
C ARG A 277 -2.75 0.86 9.75
N SER A 278 -1.58 0.23 9.82
CA SER A 278 -0.72 0.12 8.65
C SER A 278 -1.45 -0.58 7.50
N PRO A 279 -1.51 0.04 6.31
CA PRO A 279 -2.26 -0.57 5.20
C PRO A 279 -1.87 -2.00 4.91
N PHE A 280 -0.59 -2.35 4.93
CA PHE A 280 -0.14 -3.70 4.60
C PHE A 280 0.06 -4.48 5.89
N LEU A 281 -0.71 -5.56 6.06
CA LEU A 281 -0.69 -6.34 7.30
C LEU A 281 0.60 -7.12 7.46
N GLN A 282 0.94 -7.96 6.49
CA GLN A 282 2.03 -8.91 6.57
C GLN A 282 2.96 -8.77 5.38
N ALA A 283 4.07 -9.50 5.44
CA ALA A 283 4.96 -9.67 4.31
C ALA A 283 5.52 -11.07 4.41
N GLY A 284 5.57 -11.77 3.29
CA GLY A 284 5.95 -13.17 3.27
C GLY A 284 7.29 -13.36 2.56
N ARG A 285 8.14 -14.15 3.18
CA ARG A 285 9.39 -14.60 2.58
C ARG A 285 9.49 -16.11 2.73
N VAL A 286 10.32 -16.72 1.89
CA VAL A 286 10.63 -18.14 2.00
C VAL A 286 12.02 -18.27 2.56
N THR A 287 12.18 -19.12 3.57
CA THR A 287 13.48 -19.35 4.19
C THR A 287 14.42 -20.13 3.27
N THR A 288 15.63 -19.58 3.06
CA THR A 288 16.71 -20.19 2.27
C THR A 288 17.62 -21.09 3.11
N ARG A 289 17.48 -21.07 4.43
CA ARG A 289 18.26 -21.93 5.33
C ARG A 289 17.51 -22.02 6.64
N ASP A 290 18.04 -22.80 7.57
CA ASP A 290 17.47 -22.77 8.90
C ASP A 290 17.93 -21.51 9.60
N VAL A 291 17.17 -21.07 10.60
CA VAL A 291 17.57 -19.85 11.30
C VAL A 291 16.80 -19.76 12.60
N THR A 292 17.50 -19.30 13.63
CA THR A 292 16.92 -19.14 14.96
C THR A 292 16.41 -17.72 15.12
N ILE A 293 15.15 -17.58 15.52
CA ILE A 293 14.51 -16.29 15.71
C ILE A 293 13.80 -16.34 17.05
N ALA A 294 14.25 -15.53 18.00
CA ALA A 294 13.67 -15.52 19.33
C ALA A 294 13.64 -16.93 19.89
N GLY A 295 14.80 -17.59 19.86
CA GLY A 295 14.88 -18.93 20.39
C GLY A 295 14.03 -19.97 19.70
N GLU A 296 13.28 -19.59 18.68
CA GLU A 296 12.64 -20.55 17.81
C GLU A 296 13.49 -20.74 16.56
N THR A 297 13.45 -21.94 15.99
CA THR A 297 14.23 -22.25 14.80
C THR A 297 13.29 -22.60 13.66
N ILE A 298 13.31 -21.78 12.62
CA ILE A 298 12.52 -22.07 11.42
C ILE A 298 13.38 -22.90 10.49
N PRO A 299 12.89 -24.05 10.05
CA PRO A 299 13.64 -24.84 9.07
C PRO A 299 13.69 -24.10 7.74
N ALA A 300 14.63 -24.53 6.89
CA ALA A 300 14.75 -23.98 5.56
C ALA A 300 13.59 -24.42 4.67
N ASN A 301 13.46 -23.73 3.52
CA ASN A 301 12.40 -24.00 2.56
C ASN A 301 11.02 -24.02 3.22
N ARG A 302 10.86 -23.24 4.29
CA ARG A 302 9.57 -22.97 4.87
C ARG A 302 9.10 -21.56 4.53
N PHE A 303 7.82 -21.30 4.75
CA PHE A 303 7.25 -20.00 4.46
C PHE A 303 7.10 -19.22 5.75
N VAL A 304 7.51 -17.96 5.73
CA VAL A 304 7.46 -17.08 6.89
C VAL A 304 6.53 -15.92 6.59
N MET A 305 5.73 -15.51 7.59
CA MET A 305 4.80 -14.40 7.50
C MET A 305 5.19 -13.33 8.51
N ALA A 306 5.72 -12.21 8.02
CA ALA A 306 6.29 -11.16 8.87
C ALA A 306 5.23 -10.11 9.17
N TRP A 307 4.70 -10.11 10.38
CA TRP A 307 3.53 -9.27 10.69
C TRP A 307 3.95 -7.81 10.86
N ILE A 308 3.98 -7.08 9.73
CA ILE A 308 4.24 -5.64 9.74
C ILE A 308 3.34 -4.92 10.73
N LEU A 309 2.13 -5.42 10.97
CA LEU A 309 1.18 -4.71 11.82
C LEU A 309 1.50 -4.86 13.30
N SER A 310 1.93 -6.06 13.72
CA SER A 310 2.28 -6.24 15.12
C SER A 310 3.55 -5.48 15.47
N ALA A 311 4.59 -5.62 14.64
CA ALA A 311 5.78 -4.81 14.82
C ALA A 311 5.41 -3.35 15.08
N ASN A 312 4.54 -2.78 14.24
CA ASN A 312 4.19 -1.38 14.39
C ASN A 312 3.38 -1.13 15.65
N HIS A 313 2.92 -2.18 16.30
CA HIS A 313 2.14 -2.10 17.52
C HIS A 313 2.91 -2.65 18.72
N ASP A 314 4.20 -2.94 18.56
CA ASP A 314 4.97 -3.65 19.59
C ASP A 314 5.33 -2.71 20.73
N ASP A 315 4.88 -3.05 21.93
CA ASP A 315 5.19 -2.26 23.11
C ASP A 315 6.68 -2.09 23.33
N ARG A 316 7.47 -3.13 23.01
CA ARG A 316 8.90 -3.07 23.20
C ARG A 316 9.50 -1.83 22.60
N ARG A 317 8.77 -1.13 21.74
CA ARG A 317 9.28 0.02 21.03
C ARG A 317 8.30 1.18 20.92
N PHE A 318 6.99 0.92 20.88
CA PHE A 318 5.95 1.93 20.74
C PHE A 318 5.03 1.88 21.96
N PRO A 319 5.32 2.65 22.99
CA PRO A 319 4.47 2.64 24.19
C PRO A 319 3.04 3.03 23.88
N ASP A 320 2.10 2.24 24.39
CA ASP A 320 0.70 2.50 24.13
C ASP A 320 0.38 2.32 22.66
N PRO A 321 0.80 1.24 22.05
CA PRO A 321 0.66 1.12 20.58
C PRO A 321 -0.74 1.46 20.07
N GLU A 322 -1.79 1.14 20.82
CA GLU A 322 -3.15 1.38 20.36
C GLU A 322 -3.58 2.84 20.53
N ARG A 323 -2.82 3.65 21.25
CA ARG A 323 -3.13 5.06 21.35
C ARG A 323 -2.67 5.79 20.08
N PHE A 324 -3.50 6.71 19.60
CA PHE A 324 -3.15 7.56 18.47
C PHE A 324 -2.52 8.82 19.02
N ASP A 325 -1.19 8.84 19.05
CA ASP A 325 -0.41 9.99 19.49
C ASP A 325 0.14 10.71 18.27
N LEU A 326 -0.12 12.02 18.17
CA LEU A 326 0.49 12.79 17.10
C LEU A 326 1.94 13.17 17.40
N HIS A 327 2.37 13.11 18.66
CA HIS A 327 3.71 13.55 19.02
C HIS A 327 4.49 12.41 19.69
N ARG A 328 4.58 11.27 19.01
CA ARG A 328 5.34 10.16 19.56
C ARG A 328 6.82 10.46 19.55
N GLN A 329 7.47 10.15 20.67
CA GLN A 329 8.91 10.26 20.79
C GLN A 329 9.59 9.30 19.83
N THR A 330 9.37 8.00 20.02
CA THR A 330 9.94 6.99 19.14
C THR A 330 9.19 6.97 17.82
N THR A 331 9.90 7.23 16.74
CA THR A 331 9.38 7.05 15.40
C THR A 331 9.97 5.78 14.81
N GLY A 332 9.69 5.55 13.53
CA GLY A 332 10.34 4.47 12.80
C GLY A 332 9.49 3.25 12.61
N HIS A 333 8.36 3.40 11.91
CA HIS A 333 7.43 2.30 11.64
C HIS A 333 7.79 1.63 10.33
N ILE A 334 7.62 0.30 10.28
CA ILE A 334 7.93 -0.40 9.03
C ILE A 334 6.68 -0.61 8.20
N ALA A 335 5.74 0.33 8.29
CA ALA A 335 4.57 0.30 7.40
C ALA A 335 4.98 0.10 5.94
N PHE A 336 5.97 0.84 5.45
CA PHE A 336 6.44 0.66 4.08
C PHE A 336 7.52 -0.42 3.94
N GLY A 337 7.84 -1.12 5.02
CA GLY A 337 8.81 -2.18 4.97
C GLY A 337 10.21 -1.81 5.41
N HIS A 338 11.18 -2.52 4.85
CA HIS A 338 12.59 -2.42 5.18
C HIS A 338 13.40 -3.30 4.24
N GLY A 339 14.61 -2.88 3.95
CA GLY A 339 15.44 -3.65 3.07
C GLY A 339 15.41 -3.16 1.64
N VAL A 340 15.93 -4.01 0.76
CA VAL A 340 16.01 -3.74 -0.68
C VAL A 340 14.64 -3.66 -1.33
N HIS A 341 13.62 -4.24 -0.70
CA HIS A 341 12.26 -4.24 -1.22
C HIS A 341 11.40 -3.11 -0.68
N PHE A 342 11.91 -2.34 0.29
CA PHE A 342 11.23 -1.14 0.78
C PHE A 342 10.41 -0.47 -0.31
N CYS A 343 9.21 -0.03 0.05
CA CYS A 343 8.20 0.38 -0.91
C CYS A 343 8.73 1.41 -1.89
N LEU A 344 8.68 1.08 -3.17
CA LEU A 344 9.16 2.00 -4.18
C LEU A 344 8.27 3.23 -4.33
N GLY A 345 7.07 3.24 -3.73
CA GLY A 345 6.16 4.33 -3.89
C GLY A 345 5.88 5.14 -2.64
N ALA A 346 6.53 4.79 -1.52
CA ALA A 346 6.21 5.47 -0.27
C ALA A 346 6.15 6.97 -0.46
N GLN A 347 7.16 7.54 -1.13
CA GLN A 347 7.15 8.98 -1.37
C GLN A 347 5.82 9.39 -1.99
N LEU A 348 5.48 8.75 -3.10
CA LEU A 348 4.22 9.05 -3.78
C LEU A 348 3.03 8.82 -2.86
N GLY A 349 3.01 7.70 -2.14
CA GLY A 349 1.89 7.40 -1.27
C GLY A 349 1.66 8.48 -0.23
N ARG A 350 2.72 8.86 0.49
CA ARG A 350 2.60 9.96 1.45
C ARG A 350 1.95 11.18 0.79
N LEU A 351 2.54 11.65 -0.30
CA LEU A 351 2.05 12.85 -1.00
C LEU A 351 0.58 12.75 -1.32
N GLU A 352 0.16 11.64 -1.93
CA GLU A 352 -1.28 11.43 -2.17
C GLU A 352 -2.08 11.63 -0.89
N GLY A 353 -1.73 10.92 0.18
CA GLY A 353 -2.47 11.09 1.41
C GLY A 353 -2.54 12.53 1.86
N ARG A 354 -1.39 13.21 1.88
CA ARG A 354 -1.35 14.57 2.39
C ARG A 354 -2.31 15.45 1.60
N ILE A 355 -2.03 15.63 0.31
CA ILE A 355 -2.86 16.47 -0.55
C ILE A 355 -4.33 16.13 -0.39
N ALA A 356 -4.65 14.83 -0.42
CA ALA A 356 -6.06 14.47 -0.39
C ALA A 356 -6.69 14.81 0.94
N LEU A 357 -5.94 14.73 2.04
CA LEU A 357 -6.51 15.07 3.33
C LEU A 357 -6.62 16.58 3.46
N GLU A 358 -5.55 17.29 3.10
CA GLU A 358 -5.62 18.74 2.98
C GLU A 358 -6.92 19.18 2.30
N ARG A 359 -7.21 18.60 1.14
CA ARG A 359 -8.37 19.03 0.39
C ARG A 359 -9.65 18.63 1.10
N LEU A 360 -9.74 17.38 1.54
CA LEU A 360 -10.99 16.89 2.10
C LEU A 360 -11.37 17.68 3.33
N LEU A 361 -10.45 17.78 4.30
CA LEU A 361 -10.70 18.58 5.49
C LEU A 361 -10.76 20.06 5.16
N GLY A 362 -10.03 20.49 4.13
CA GLY A 362 -10.16 21.86 3.67
C GLY A 362 -11.58 22.20 3.24
N ARG A 363 -12.26 21.24 2.59
CA ARG A 363 -13.54 21.51 1.96
C ARG A 363 -14.74 21.26 2.87
N PHE A 364 -14.59 20.46 3.92
CA PHE A 364 -15.67 20.15 4.84
C PHE A 364 -15.21 20.34 6.28
N THR A 365 -15.71 21.37 6.95
CA THR A 365 -15.59 21.43 8.40
C THR A 365 -16.30 20.25 9.05
N GLU A 366 -17.34 19.72 8.41
CA GLU A 366 -18.19 18.70 9.03
C GLU A 366 -18.12 17.41 8.24
N ILE A 367 -17.48 16.39 8.80
CA ILE A 367 -17.42 15.06 8.19
C ILE A 367 -17.67 14.07 9.31
N HIS A 368 -18.87 13.48 9.35
CA HIS A 368 -19.23 12.50 10.36
C HIS A 368 -19.65 11.17 9.72
N PRO A 369 -19.27 10.05 10.32
CA PRO A 369 -19.78 8.76 9.85
C PRO A 369 -21.29 8.73 9.98
N TRP A 370 -21.94 7.96 9.11
CA TRP A 370 -23.37 8.09 8.92
C TRP A 370 -23.98 6.94 8.11
N PRO A 371 -24.27 5.81 8.77
CA PRO A 371 -24.04 5.61 10.20
C PRO A 371 -22.61 5.22 10.53
N ARG A 372 -22.21 5.48 11.78
CA ARG A 372 -20.91 5.01 12.27
C ARG A 372 -20.79 3.48 12.20
N GLU A 373 -21.92 2.76 12.20
CA GLU A 373 -21.95 1.31 12.06
C GLU A 373 -22.18 0.86 10.61
N GLY A 374 -22.00 1.75 9.65
CA GLY A 374 -22.06 1.39 8.26
C GLY A 374 -20.73 1.07 7.63
N ILE A 375 -19.65 1.24 8.38
CA ILE A 375 -18.32 0.95 7.86
C ILE A 375 -18.13 -0.55 7.75
N SER A 376 -17.56 -1.00 6.64
CA SER A 376 -17.11 -2.38 6.52
C SER A 376 -15.67 -2.39 6.05
N PHE A 377 -14.97 -3.49 6.36
CA PHE A 377 -13.54 -3.62 6.18
C PHE A 377 -13.19 -4.73 5.20
N TYR A 378 -12.05 -4.57 4.53
CA TYR A 378 -11.49 -5.68 3.78
C TYR A 378 -11.13 -6.80 4.74
N GLN A 379 -11.05 -8.01 4.19
CA GLN A 379 -10.66 -9.19 4.95
C GLN A 379 -9.49 -9.76 4.18
N SER A 380 -8.27 -9.39 4.55
CA SER A 380 -7.18 -9.80 3.70
C SER A 380 -5.87 -9.19 4.18
N ALA A 381 -4.95 -8.96 3.24
CA ALA A 381 -3.68 -8.33 3.56
C ALA A 381 -3.79 -6.82 3.67
N ILE A 382 -4.86 -6.22 3.15
CA ILE A 382 -5.09 -4.78 3.23
C ILE A 382 -6.00 -4.51 4.42
N PHE A 383 -5.56 -3.61 5.31
CA PHE A 383 -6.24 -3.34 6.57
C PHE A 383 -6.92 -1.97 6.49
N GLY A 384 -8.23 -1.96 6.36
CA GLY A 384 -8.95 -0.70 6.31
C GLY A 384 -10.37 -0.88 5.80
N ALA A 385 -11.05 0.26 5.69
CA ALA A 385 -12.45 0.28 5.28
C ALA A 385 -12.59 0.09 3.78
N SER A 386 -13.53 -0.78 3.38
CA SER A 386 -14.03 -0.79 2.01
C SER A 386 -15.27 0.09 1.83
N ARG A 387 -15.96 0.45 2.91
CA ARG A 387 -17.14 1.31 2.85
C ARG A 387 -17.09 2.28 4.01
N MET A 388 -17.37 3.56 3.75
CA MET A 388 -17.22 4.59 4.78
C MET A 388 -18.26 5.69 4.60
N PRO A 389 -19.54 5.37 4.78
CA PRO A 389 -20.59 6.35 4.54
C PRO A 389 -20.47 7.54 5.48
N VAL A 390 -20.46 8.75 4.90
CA VAL A 390 -20.29 9.99 5.65
C VAL A 390 -21.45 10.95 5.37
N ARG A 391 -21.51 12.02 6.17
CA ARG A 391 -22.45 13.12 6.01
C ARG A 391 -21.70 14.43 6.27
N CYS A 392 -21.78 15.37 5.33
CA CYS A 392 -20.87 16.50 5.28
C CYS A 392 -21.58 17.84 5.45
N GLY A 393 -20.80 18.86 5.79
CA GLY A 393 -21.32 20.19 6.01
C GLY A 393 -20.25 21.15 6.51
CHA HEM B . 6.40 -2.52 -1.73
CHB HEM B . 3.43 -0.59 1.57
CHC HEM B . 2.06 2.65 -1.74
CHD HEM B . 4.71 0.55 -5.09
C1A HEM B . 5.75 -2.27 -0.56
C2A HEM B . 5.98 -2.95 0.70
C3A HEM B . 5.18 -2.39 1.60
C4A HEM B . 4.37 -1.37 0.96
CMA HEM B . 5.07 -2.76 3.08
CAA HEM B . 7.04 -4.06 0.96
CBA HEM B . 6.66 -5.45 0.45
CGA HEM B . 7.73 -6.42 0.85
O1A HEM B . 8.80 -5.98 1.34
O2A HEM B . 7.53 -7.63 0.67
C1B HEM B . 2.85 0.48 0.98
C2B HEM B . 1.99 1.44 1.63
C3B HEM B . 1.63 2.33 0.68
C4B HEM B . 2.23 1.95 -0.56
CMB HEM B . 1.67 1.35 3.14
CAB HEM B . 0.74 3.59 0.72
CBB HEM B . -0.01 3.95 1.75
C1C HEM B . 2.67 2.41 -2.92
C2C HEM B . 2.58 3.23 -4.10
C3C HEM B . 3.33 2.66 -5.03
C4C HEM B . 3.89 1.45 -4.48
CMC HEM B . 1.78 4.56 -4.14
CAC HEM B . 3.59 3.12 -6.47
CBC HEM B . 2.83 4.02 -7.09
C1D HEM B . 5.41 -0.47 -4.46
C2D HEM B . 6.34 -1.38 -5.11
C3D HEM B . 6.81 -2.21 -4.17
C4D HEM B . 6.18 -1.88 -2.92
CMD HEM B . 6.71 -1.35 -6.61
CAD HEM B . 7.82 -3.37 -4.36
CBD HEM B . 9.27 -2.91 -4.24
CGD HEM B . 10.20 -4.11 -4.37
O1D HEM B . 9.72 -5.26 -4.39
O2D HEM B . 11.44 -3.91 -4.45
NA HEM B . 4.76 -1.32 -0.36
NB HEM B . 2.98 0.81 -0.35
NC HEM B . 3.48 1.33 -3.19
ND HEM B . 5.32 -0.82 -3.12
FE HEM B . 4.25 0.05 -1.69
HHB HEM B . 2.98 -0.97 2.35
HHC HEM B . 1.42 3.40 -1.71
HHD HEM B . 4.72 0.55 -6.08
HMA HEM B . 5.94 -2.64 3.52
HMAA HEM B . 4.79 -3.70 3.17
HMAB HEM B . 4.39 -2.20 3.52
HAA HEM B . 7.19 -4.11 1.91
HAAA HEM B . 7.86 -3.80 0.52
HBA HEM B . 6.57 -5.44 -0.51
HBAA HEM B . 5.81 -5.72 0.85
HMB HEM B . 1.23 0.50 3.31
HMBA HEM B . 1.08 2.07 3.38
HMBB HEM B . 2.49 1.40 3.64
HAB HEM B . 0.74 4.16 -0.05
HBB HEM B . -0.54 4.75 1.70
HBBA HEM B . -0.03 3.40 2.54
HMC HEM B . 0.85 4.38 -3.94
HMCA HEM B . 1.85 4.95 -5.02
HMCB HEM B . 2.14 5.16 -3.48
HAC HEM B . 4.34 2.74 -6.94
HBC HEM B . 2.07 4.41 -6.64
HBCA HEM B . 3.04 4.28 -8.00
HMD HEM B . 5.90 -1.49 -7.15
HMDA HEM B . 7.36 -2.06 -6.80
HMDB HEM B . 7.11 -0.48 -6.83
HAD HEM B . 7.65 -4.04 -3.68
HADA HEM B . 7.68 -3.77 -5.23
HBD HEM B . 9.47 -2.27 -4.95
HBDA HEM B . 9.41 -2.48 -3.38
HHA HEM B . 7.17 -3.14 -1.70
#